data_6UIH
#
_entry.id   6UIH
#
_cell.length_a   196.598
_cell.length_b   196.598
_cell.length_c   196.598
_cell.angle_alpha   90.000
_cell.angle_beta   90.000
_cell.angle_gamma   90.000
#
_symmetry.space_group_name_H-M   'I 4 3 2'
#
_entity_poly.entity_id   1
_entity_poly.type   'polypeptide(L)'
_entity_poly.pdbx_seq_one_letter_code
;GGSPDKEVHLILYHWTHSFSSQKVRLVIAEKALKCEEHDVSLPLSEHNEPWF(MSE)RLNSAGEVPVLVHGENIICEATQ
IIDYLEQTFLDERTPRL(MSE)PDEGS(MSE)YYPRVQHYRELLDSLP(MSE)DAYTHGCILHPEGTGDNVKYLKKILDE
LEKVLDQVETELQRRNEETPEEGNQPWLCGESFTLADVSLAVTLHRLKFLGFARRNWGHGKRPNLETYYERVLKRKTFNK
VEFGS
;
_entity_poly.pdbx_strand_id   A
#
# COMPACT_ATOMS: atom_id res chain seq x y z
N GLU A 7 -10.63 -18.80 -12.26
CA GLU A 7 -10.66 -19.75 -11.14
C GLU A 7 -9.45 -20.71 -11.15
N VAL A 8 -8.37 -20.26 -10.54
CA VAL A 8 -7.12 -20.99 -10.41
C VAL A 8 -6.80 -21.06 -8.93
N HIS A 9 -6.03 -22.08 -8.53
CA HIS A 9 -5.73 -22.27 -7.12
C HIS A 9 -4.33 -21.76 -6.78
N LEU A 10 -4.31 -20.65 -6.06
CA LEU A 10 -3.10 -19.99 -5.60
C LEU A 10 -2.90 -20.31 -4.13
N ILE A 11 -1.64 -20.34 -3.72
CA ILE A 11 -1.29 -20.56 -2.32
C ILE A 11 -0.47 -19.35 -1.92
N LEU A 12 -0.69 -18.85 -0.69
CA LEU A 12 0.03 -17.69 -0.20
C LEU A 12 0.48 -17.98 1.21
N TYR A 13 1.79 -17.86 1.46
CA TYR A 13 2.39 -18.02 2.77
C TYR A 13 2.81 -16.64 3.27
N HIS A 14 2.24 -16.21 4.40
CA HIS A 14 2.39 -14.83 4.82
C HIS A 14 2.38 -14.76 6.34
N TRP A 15 2.77 -13.60 6.88
CA TRP A 15 2.64 -13.28 8.29
C TRP A 15 1.46 -12.32 8.45
N THR A 16 0.39 -12.80 9.09
CA THR A 16 -0.91 -12.14 8.98
C THR A 16 -0.94 -10.69 9.45
N HIS A 17 -0.01 -10.27 10.28
CA HIS A 17 0.02 -8.90 10.75
C HIS A 17 1.09 -8.06 10.07
N SER A 18 1.83 -8.64 9.13
CA SER A 18 2.91 -7.90 8.49
C SER A 18 2.33 -6.95 7.47
N PHE A 19 3.12 -5.93 7.15
CA PHE A 19 2.68 -4.89 6.20
C PHE A 19 2.68 -5.43 4.78
N SER A 20 3.70 -6.18 4.38
CA SER A 20 3.69 -6.81 3.07
C SER A 20 2.48 -7.71 2.87
N SER A 21 2.10 -8.47 3.89
CA SER A 21 0.99 -9.38 3.74
C SER A 21 -0.31 -8.64 3.44
N GLN A 22 -0.57 -7.52 4.11
CA GLN A 22 -1.84 -6.81 3.92
C GLN A 22 -1.93 -6.26 2.50
N LYS A 23 -0.82 -5.77 1.94
CA LYS A 23 -0.79 -5.32 0.55
C LYS A 23 -1.11 -6.45 -0.41
N VAL A 24 -0.49 -7.62 -0.22
CA VAL A 24 -0.71 -8.72 -1.16
C VAL A 24 -2.14 -9.27 -1.03
N ARG A 25 -2.64 -9.39 0.18
CA ARG A 25 -3.98 -9.93 0.34
C ARG A 25 -5.02 -8.98 -0.20
N LEU A 26 -4.75 -7.66 -0.16
CA LEU A 26 -5.69 -6.70 -0.69
C LEU A 26 -5.75 -6.81 -2.21
N VAL A 27 -4.60 -6.85 -2.86
CA VAL A 27 -4.55 -7.11 -4.29
C VAL A 27 -5.33 -8.38 -4.63
N ILE A 28 -5.13 -9.45 -3.87
CA ILE A 28 -5.77 -10.73 -4.20
C ILE A 28 -7.28 -10.60 -4.05
N ALA A 29 -7.75 -9.80 -3.06
CA ALA A 29 -9.18 -9.58 -2.89
C ALA A 29 -9.75 -8.70 -4.00
N GLU A 30 -9.01 -7.65 -4.37
CA GLU A 30 -9.43 -6.77 -5.43
C GLU A 30 -9.56 -7.52 -6.74
N LYS A 31 -8.55 -8.35 -7.07
CA LYS A 31 -8.56 -9.11 -8.33
C LYS A 31 -9.54 -10.29 -8.28
N ALA A 32 -10.23 -10.49 -7.16
CA ALA A 32 -11.16 -11.59 -7.01
C ALA A 32 -10.55 -12.90 -7.52
N LEU A 33 -9.49 -13.33 -6.85
CA LEU A 33 -8.79 -14.57 -7.16
C LEU A 33 -8.96 -15.53 -5.99
N LYS A 34 -9.05 -16.82 -6.31
CA LYS A 34 -9.12 -17.84 -5.27
C LYS A 34 -7.72 -18.08 -4.72
N CYS A 35 -7.60 -18.18 -3.40
CA CYS A 35 -6.28 -18.30 -2.81
C CYS A 35 -6.38 -18.95 -1.44
N GLU A 36 -5.66 -20.05 -1.27
CA GLU A 36 -5.54 -20.75 0.02
C GLU A 36 -4.45 -20.07 0.81
N GLU A 37 -4.80 -19.44 1.92
CA GLU A 37 -3.87 -18.61 2.67
C GLU A 37 -3.37 -19.38 3.87
N HIS A 38 -2.06 -19.32 4.10
CA HIS A 38 -1.41 -19.97 5.23
C HIS A 38 -0.67 -18.94 6.09
N ASP A 39 -1.16 -18.69 7.29
CA ASP A 39 -0.46 -17.79 8.21
C ASP A 39 0.67 -18.55 8.88
N VAL A 40 1.91 -18.25 8.49
CA VAL A 40 3.08 -19.01 8.91
C VAL A 40 3.87 -18.29 9.99
N SER A 41 3.19 -17.52 10.82
CA SER A 41 3.86 -16.76 11.87
C SER A 41 3.99 -17.59 13.14
N LEU A 42 4.93 -17.18 14.01
CA LEU A 42 5.35 -17.98 15.18
C LEU A 42 5.31 -17.23 16.50
N GLU A 60 9.81 -13.84 7.17
CA GLU A 60 8.84 -12.78 7.48
C GLU A 60 8.25 -12.13 6.20
N VAL A 61 8.75 -12.52 5.03
CA VAL A 61 8.36 -11.91 3.75
C VAL A 61 7.52 -12.91 2.95
N PRO A 62 6.47 -12.46 2.26
CA PRO A 62 5.47 -13.41 1.75
C PRO A 62 5.96 -14.19 0.56
N VAL A 63 5.30 -15.33 0.34
CA VAL A 63 5.61 -16.26 -0.74
C VAL A 63 4.32 -16.69 -1.42
N LEU A 64 4.25 -16.49 -2.75
CA LEU A 64 3.10 -16.92 -3.53
C LEU A 64 3.52 -18.09 -4.42
N VAL A 65 2.73 -19.16 -4.39
CA VAL A 65 2.93 -20.34 -5.23
C VAL A 65 1.76 -20.42 -6.19
N HIS A 66 2.07 -20.53 -7.48
CA HIS A 66 1.09 -20.62 -8.56
C HIS A 66 1.47 -21.82 -9.42
N GLY A 67 0.97 -23.01 -9.04
CA GLY A 67 1.49 -24.22 -9.64
C GLY A 67 2.97 -24.44 -9.35
N GLU A 68 3.83 -24.19 -10.33
CA GLU A 68 5.27 -24.40 -10.22
C GLU A 68 6.05 -23.09 -10.10
N ASN A 69 5.35 -21.95 -10.13
CA ASN A 69 5.98 -20.65 -9.97
C ASN A 69 5.98 -20.23 -8.52
N ILE A 70 7.15 -19.79 -8.03
CA ILE A 70 7.29 -19.42 -6.63
C ILE A 70 7.87 -18.03 -6.57
N ILE A 71 7.04 -17.06 -6.15
CA ILE A 71 7.41 -15.64 -6.14
C ILE A 71 7.44 -15.13 -4.73
N CYS A 72 8.51 -14.44 -4.38
CA CYS A 72 8.67 -13.87 -3.04
C CYS A 72 8.71 -12.35 -3.07
N GLU A 73 8.37 -11.73 -1.92
CA GLU A 73 8.38 -10.29 -1.69
C GLU A 73 7.09 -9.65 -2.23
N ALA A 74 6.48 -8.74 -1.48
CA ALA A 74 5.15 -8.25 -1.85
C ALA A 74 5.17 -7.60 -3.24
N THR A 75 6.14 -6.75 -3.50
CA THR A 75 6.09 -6.03 -4.77
C THR A 75 6.21 -7.00 -5.93
N GLN A 76 7.08 -8.01 -5.82
CA GLN A 76 7.20 -8.97 -6.93
C GLN A 76 6.00 -9.88 -7.03
N ILE A 77 5.34 -10.21 -5.92
CA ILE A 77 4.15 -11.03 -5.98
C ILE A 77 3.04 -10.26 -6.67
N ILE A 78 2.91 -8.98 -6.34
CA ILE A 78 1.84 -8.14 -6.87
C ILE A 78 2.02 -7.92 -8.37
N ASP A 79 3.25 -7.58 -8.79
CA ASP A 79 3.53 -7.51 -10.21
C ASP A 79 3.18 -8.83 -10.92
N TYR A 80 3.46 -9.97 -10.30
CA TYR A 80 3.17 -11.23 -10.97
C TYR A 80 1.67 -11.36 -11.15
N LEU A 81 0.91 -11.09 -10.10
CA LEU A 81 -0.54 -11.25 -10.15
C LEU A 81 -1.16 -10.36 -11.23
N GLU A 82 -0.53 -9.23 -11.56
CA GLU A 82 -1.10 -8.29 -12.50
C GLU A 82 -0.83 -8.76 -13.91
N GLN A 83 0.36 -9.30 -14.17
CA GLN A 83 0.76 -9.79 -15.48
C GLN A 83 0.13 -11.12 -15.80
N THR A 84 -0.14 -11.93 -14.82
CA THR A 84 -0.47 -13.32 -15.06
C THR A 84 -1.94 -13.57 -15.23
N PHE A 85 -2.79 -12.81 -14.60
CA PHE A 85 -4.23 -13.02 -14.63
C PHE A 85 -4.88 -11.92 -15.50
N LEU A 86 -4.93 -12.18 -16.81
CA LEU A 86 -5.41 -11.25 -17.86
C LEU A 86 -6.87 -11.54 -18.26
N ASP A 87 -7.55 -12.46 -17.57
CA ASP A 87 -8.96 -12.79 -17.87
C ASP A 87 -9.81 -11.52 -17.71
N GLU A 88 -10.79 -11.32 -18.59
CA GLU A 88 -11.66 -10.11 -18.58
C GLU A 88 -12.45 -10.08 -17.28
N ARG A 89 -12.80 -11.25 -16.73
CA ARG A 89 -13.56 -11.34 -15.49
C ARG A 89 -12.82 -10.75 -14.31
N THR A 90 -11.47 -10.81 -14.30
CA THR A 90 -10.70 -10.33 -13.15
C THR A 90 -10.32 -8.87 -13.37
N PRO A 91 -10.63 -7.99 -12.43
CA PRO A 91 -10.33 -6.57 -12.62
C PRO A 91 -8.84 -6.31 -12.62
N ARG A 92 -8.47 -5.22 -13.25
CA ARG A 92 -7.08 -4.80 -13.35
C ARG A 92 -6.82 -3.61 -12.44
N LEU A 93 -5.74 -3.71 -11.67
CA LEU A 93 -5.31 -2.66 -10.77
C LEU A 93 -4.30 -1.74 -11.45
N MSE A 94 -4.12 -1.88 -12.73
CA MSE A 94 -3.25 -0.94 -13.44
C MSE A 94 -3.77 -0.69 -14.87
O MSE A 94 -4.42 -1.56 -15.47
CB MSE A 94 -1.82 -1.45 -13.52
CG MSE A 94 -1.15 -1.50 -12.18
SE MSE A 94 -0.82 0.28 -11.39
CE MSE A 94 0.99 0.66 -12.11
H MSE A 94 -4.47 -2.50 -13.22
HA MSE A 94 -3.24 -0.11 -12.95
HB2 MSE A 94 -1.82 -2.35 -13.88
HB3 MSE A 94 -1.30 -0.86 -14.09
HG2 MSE A 94 -1.71 -2.00 -11.57
HG3 MSE A 94 -0.29 -1.95 -12.28
HE1 MSE A 94 1.25 1.56 -11.87
HE2 MSE A 94 1.62 0.03 -11.73
HE3 MSE A 94 0.97 0.57 -13.08
N PRO A 95 -3.52 0.50 -15.38
CA PRO A 95 -3.80 0.79 -16.78
C PRO A 95 -2.70 0.23 -17.68
N ASP A 96 -2.92 0.34 -19.00
CA ASP A 96 -1.98 -0.25 -19.96
C ASP A 96 -0.63 0.47 -19.95
N GLU A 97 0.44 -0.29 -20.15
CA GLU A 97 1.78 0.26 -19.96
C GLU A 97 2.05 1.47 -20.86
N GLY A 98 1.35 1.59 -21.97
CA GLY A 98 1.44 2.77 -22.79
C GLY A 98 0.34 3.77 -22.58
N SER A 99 -0.57 3.50 -21.65
CA SER A 99 -1.72 4.37 -21.41
C SER A 99 -1.32 5.76 -20.95
N MSE A 100 -2.32 6.62 -20.82
CA MSE A 100 -2.09 8.03 -20.54
C MSE A 100 -1.47 8.25 -19.18
O MSE A 100 -0.38 8.85 -19.04
CB MSE A 100 -3.44 8.76 -20.66
CG MSE A 100 -3.37 10.27 -20.47
SE MSE A 100 -5.05 11.35 -20.96
CE MSE A 100 -5.13 10.83 -22.84
H MSE A 100 -3.15 6.41 -20.89
HA MSE A 100 -1.48 8.42 -21.19
HB2 MSE A 100 -3.80 8.59 -21.54
HB3 MSE A 100 -4.03 8.40 -19.99
HG2 MSE A 100 -2.65 10.60 -21.01
HG3 MSE A 100 -3.18 10.44 -19.53
HE1 MSE A 100 -5.85 11.31 -23.29
HE2 MSE A 100 -4.28 11.06 -23.28
HE3 MSE A 100 -5.29 9.88 -22.91
N TYR A 101 -2.16 7.71 -18.17
CA TYR A 101 -1.81 7.97 -16.79
C TYR A 101 -1.08 6.81 -16.13
N TYR A 102 -0.48 5.89 -16.90
CA TYR A 102 0.30 4.85 -16.27
C TYR A 102 1.52 5.44 -15.57
N PRO A 103 2.28 6.30 -16.18
CA PRO A 103 3.45 6.84 -15.45
C PRO A 103 3.08 7.48 -14.12
N ARG A 104 1.91 8.12 -14.02
CA ARG A 104 1.57 8.79 -12.78
C ARG A 104 1.20 7.80 -11.70
N VAL A 105 0.44 6.76 -12.05
CA VAL A 105 0.13 5.74 -11.07
C VAL A 105 1.38 5.00 -10.64
N GLN A 106 2.24 4.63 -11.57
CA GLN A 106 3.50 4.03 -11.19
C GLN A 106 4.27 4.94 -10.28
N HIS A 107 4.19 6.26 -10.49
CA HIS A 107 4.97 7.19 -9.67
C HIS A 107 4.51 7.18 -8.22
N TYR A 108 3.20 7.21 -7.97
CA TYR A 108 2.69 7.27 -6.62
C TYR A 108 2.80 5.92 -5.93
N ARG A 109 2.63 4.83 -6.65
CA ARG A 109 2.89 3.52 -6.06
C ARG A 109 4.35 3.36 -5.61
N GLU A 110 5.32 3.80 -6.42
CA GLU A 110 6.71 3.72 -5.96
C GLU A 110 6.98 4.67 -4.78
N LEU A 111 6.43 5.89 -4.83
CA LEU A 111 6.60 6.85 -3.74
C LEU A 111 6.19 6.26 -2.41
N LEU A 112 4.96 5.77 -2.32
CA LEU A 112 4.47 5.19 -1.09
C LEU A 112 5.25 3.94 -0.71
N ASP A 113 5.57 3.07 -1.67
CA ASP A 113 6.32 1.85 -1.42
C ASP A 113 7.77 2.08 -1.01
N SER A 114 8.28 3.30 -1.08
CA SER A 114 9.63 3.59 -0.62
C SER A 114 9.72 3.98 0.86
N LEU A 115 8.59 4.17 1.51
CA LEU A 115 8.60 4.57 2.90
C LEU A 115 9.07 3.35 3.70
N PRO A 116 10.03 3.52 4.64
CA PRO A 116 10.46 2.44 5.53
C PRO A 116 9.56 2.20 6.74
N MSE A 117 8.42 1.53 6.51
CA MSE A 117 7.38 1.46 7.52
C MSE A 117 7.76 0.74 8.80
O MSE A 117 7.23 1.00 9.86
CB MSE A 117 6.14 0.78 6.94
CG MSE A 117 5.50 1.52 5.80
SE MSE A 117 4.70 3.26 6.22
CE MSE A 117 3.65 2.76 7.69
H MSE A 117 8.23 1.12 5.78
HA MSE A 117 7.19 2.38 7.77
HB2 MSE A 117 6.39 -0.11 6.62
HB3 MSE A 117 5.47 0.69 7.64
HG2 MSE A 117 6.18 1.67 5.12
HG3 MSE A 117 4.79 0.96 5.43
HE1 MSE A 117 4.22 2.51 8.43
HE2 MSE A 117 3.08 3.51 7.95
HE3 MSE A 117 3.09 2.01 7.43
N ASP A 118 8.71 -0.17 8.69
CA ASP A 118 9.17 -0.91 9.85
C ASP A 118 10.20 -0.16 10.66
N ALA A 119 10.66 0.99 10.18
CA ALA A 119 11.77 1.71 10.76
C ALA A 119 11.35 2.89 11.62
N TYR A 120 10.08 3.31 11.59
CA TYR A 120 9.72 4.51 12.33
C TYR A 120 9.80 4.26 13.85
N THR A 121 9.57 3.02 14.28
CA THR A 121 9.53 2.74 15.71
C THR A 121 10.91 2.74 16.37
N HIS A 122 11.86 2.06 15.77
CA HIS A 122 13.17 1.85 16.38
C HIS A 122 14.32 2.43 15.58
N GLY A 123 14.08 3.01 14.43
CA GLY A 123 15.15 3.46 13.56
C GLY A 123 15.81 2.30 12.83
N CYS A 124 17.11 2.44 12.66
CA CYS A 124 17.92 1.50 11.90
C CYS A 124 19.13 0.97 12.66
N ILE A 125 19.47 1.53 13.80
CA ILE A 125 20.49 1.00 14.70
C ILE A 125 19.86 0.78 16.06
N LEU A 126 19.90 -0.46 16.54
CA LEU A 126 19.26 -0.82 17.80
C LEU A 126 20.19 -0.76 18.98
N HIS A 127 21.46 -1.05 18.77
CA HIS A 127 22.42 -0.97 19.85
C HIS A 127 22.45 0.45 20.45
N PRO A 128 22.41 0.59 21.77
CA PRO A 128 22.53 1.92 22.36
C PRO A 128 23.69 2.73 21.86
N GLU A 129 24.81 2.11 21.46
CA GLU A 129 26.00 2.88 21.11
C GLU A 129 25.87 3.64 19.80
N GLY A 130 24.75 3.51 19.08
CA GLY A 130 24.50 4.28 17.89
C GLY A 130 23.27 5.15 18.02
N THR A 131 22.87 5.45 19.27
CA THR A 131 21.73 6.34 19.47
C THR A 131 21.97 7.68 18.79
N GLY A 132 23.21 8.20 18.89
CA GLY A 132 23.53 9.49 18.34
C GLY A 132 23.16 9.56 16.86
N ASP A 133 23.37 8.45 16.13
CA ASP A 133 23.11 8.48 14.70
C ASP A 133 21.73 7.96 14.39
N ASN A 134 21.20 7.06 15.21
CA ASN A 134 19.82 6.58 15.02
C ASN A 134 18.80 7.72 15.05
N VAL A 135 18.90 8.62 16.05
CA VAL A 135 17.97 9.76 16.12
C VAL A 135 18.11 10.66 14.91
N LYS A 136 19.30 10.77 14.30
CA LYS A 136 19.45 11.55 13.08
C LYS A 136 18.79 10.86 11.88
N TYR A 137 18.89 9.51 11.80
CA TYR A 137 18.18 8.73 10.79
C TYR A 137 16.67 8.82 10.97
N LEU A 138 16.20 8.80 12.21
CA LEU A 138 14.76 8.94 12.46
C LEU A 138 14.22 10.30 12.05
N LYS A 139 14.98 11.35 12.29
CA LYS A 139 14.58 12.64 11.75
C LYS A 139 14.48 12.59 10.23
N LYS A 140 15.49 12.02 9.57
CA LYS A 140 15.48 11.99 8.10
C LYS A 140 14.23 11.32 7.55
N ILE A 141 13.91 10.13 8.03
CA ILE A 141 12.82 9.43 7.42
C ILE A 141 11.48 10.05 7.82
N LEU A 142 11.44 10.74 8.98
CA LEU A 142 10.19 11.36 9.45
C LEU A 142 9.91 12.64 8.71
N ASP A 143 10.97 13.36 8.32
CA ASP A 143 10.82 14.46 7.36
C ASP A 143 10.42 13.92 5.99
N GLU A 144 10.99 12.77 5.63
CA GLU A 144 10.71 12.09 4.34
C GLU A 144 9.22 11.73 4.30
N LEU A 145 8.66 11.30 5.44
CA LEU A 145 7.25 10.90 5.52
C LEU A 145 6.36 12.10 5.36
N GLU A 146 6.77 13.25 5.92
CA GLU A 146 5.94 14.48 5.89
C GLU A 146 5.76 14.95 4.45
N LYS A 147 6.83 14.97 3.66
CA LYS A 147 6.75 15.36 2.26
C LYS A 147 5.90 14.37 1.44
N VAL A 148 6.05 13.05 1.66
CA VAL A 148 5.25 12.13 0.89
C VAL A 148 3.76 12.34 1.17
N LEU A 149 3.38 12.53 2.43
CA LEU A 149 1.98 12.76 2.74
C LEU A 149 1.49 14.12 2.22
N ASP A 150 2.36 15.13 2.21
CA ASP A 150 2.03 16.47 1.70
C ASP A 150 1.77 16.36 0.19
N GLN A 151 2.64 15.62 -0.50
CA GLN A 151 2.56 15.39 -1.96
C GLN A 151 1.26 14.67 -2.29
N VAL A 152 0.89 13.68 -1.49
CA VAL A 152 -0.35 12.86 -1.65
C VAL A 152 -1.59 13.74 -1.41
N GLU A 153 -1.54 14.64 -0.41
CA GLU A 153 -2.67 15.47 -0.08
C GLU A 153 -2.96 16.47 -1.19
N THR A 154 -1.92 17.10 -1.78
CA THR A 154 -2.17 17.96 -2.95
C THR A 154 -2.76 17.15 -4.11
N GLU A 155 -2.24 15.94 -4.38
CA GLU A 155 -2.78 15.11 -5.44
C GLU A 155 -4.23 14.76 -5.19
N LEU A 156 -4.61 14.49 -3.94
CA LEU A 156 -5.99 14.16 -3.67
C LEU A 156 -6.89 15.40 -3.80
N GLN A 157 -6.34 16.62 -3.58
CA GLN A 157 -7.09 17.85 -3.81
C GLN A 157 -7.33 18.07 -5.31
N ARG A 158 -6.29 17.92 -6.13
CA ARG A 158 -6.44 17.95 -7.58
C ARG A 158 -7.53 17.02 -8.07
N ARG A 159 -7.65 15.83 -7.52
CA ARG A 159 -8.77 14.94 -7.88
C ARG A 159 -10.10 15.54 -7.44
N ASN A 160 -10.14 16.16 -6.25
CA ASN A 160 -11.36 16.77 -5.75
C ASN A 160 -11.85 17.88 -6.67
N GLU A 161 -10.95 18.78 -7.08
CA GLU A 161 -11.28 19.88 -7.98
C GLU A 161 -11.78 19.42 -9.34
N GLU A 162 -11.86 18.11 -9.56
CA GLU A 162 -12.47 17.56 -10.77
C GLU A 162 -13.45 16.42 -10.40
N THR A 163 -14.48 16.76 -9.62
CA THR A 163 -15.52 15.80 -9.27
C THR A 163 -16.90 16.48 -9.30
N PRO A 164 -17.79 16.07 -10.25
CA PRO A 164 -19.14 16.68 -10.23
C PRO A 164 -19.95 16.34 -8.97
N GLN A 169 -17.00 8.77 -7.94
CA GLN A 169 -15.98 9.64 -7.30
C GLN A 169 -14.58 8.99 -7.26
N PRO A 170 -13.53 9.76 -7.55
CA PRO A 170 -12.26 9.14 -7.97
C PRO A 170 -11.30 8.83 -6.82
N TRP A 171 -10.38 7.93 -7.09
CA TRP A 171 -9.33 7.56 -6.16
C TRP A 171 -8.06 8.36 -6.47
N LEU A 172 -6.96 7.97 -5.88
CA LEU A 172 -5.75 8.78 -5.91
C LEU A 172 -5.40 9.26 -7.31
N CYS A 173 -5.49 8.41 -8.32
CA CYS A 173 -4.87 8.71 -9.62
C CYS A 173 -5.86 8.81 -10.78
N GLY A 174 -7.16 8.65 -10.53
CA GLY A 174 -8.12 8.44 -11.58
C GLY A 174 -9.34 7.75 -10.98
N GLU A 175 -10.24 7.34 -11.85
CA GLU A 175 -11.53 6.88 -11.34
C GLU A 175 -11.42 5.46 -10.78
N SER A 176 -10.45 4.67 -11.24
CA SER A 176 -10.42 3.26 -10.87
C SER A 176 -9.47 3.04 -9.70
N PHE A 177 -9.86 2.15 -8.79
CA PHE A 177 -8.95 1.71 -7.72
C PHE A 177 -7.71 1.04 -8.30
N THR A 178 -6.55 1.38 -7.73
CA THR A 178 -5.27 1.12 -8.37
C THR A 178 -4.23 0.64 -7.36
N LEU A 179 -3.12 0.10 -7.88
CA LEU A 179 -2.02 -0.30 -6.99
C LEU A 179 -1.49 0.86 -6.17
N ALA A 180 -1.53 2.10 -6.70
CA ALA A 180 -1.20 3.25 -5.88
C ALA A 180 -2.16 3.39 -4.72
N ASP A 181 -3.45 3.07 -4.95
CA ASP A 181 -4.44 3.11 -3.89
C ASP A 181 -4.28 1.93 -2.92
N VAL A 182 -3.75 0.79 -3.39
CA VAL A 182 -3.48 -0.30 -2.48
C VAL A 182 -2.38 0.14 -1.52
N SER A 183 -1.27 0.70 -2.06
CA SER A 183 -0.17 1.10 -1.20
C SER A 183 -0.59 2.22 -0.26
N LEU A 184 -1.53 3.07 -0.66
CA LEU A 184 -1.92 4.20 0.16
C LEU A 184 -2.87 3.75 1.25
N ALA A 185 -3.88 2.95 0.90
CA ALA A 185 -4.79 2.47 1.93
C ALA A 185 -4.04 1.75 3.04
N VAL A 186 -3.11 0.88 2.68
CA VAL A 186 -2.41 0.08 3.69
C VAL A 186 -1.40 0.96 4.42
N THR A 187 -0.72 1.83 3.70
CA THR A 187 0.19 2.78 4.35
C THR A 187 -0.56 3.63 5.37
N LEU A 188 -1.80 4.04 5.08
CA LEU A 188 -2.52 4.89 6.02
C LEU A 188 -2.97 4.08 7.21
N HIS A 189 -3.43 2.85 6.97
CA HIS A 189 -3.89 1.97 8.04
C HIS A 189 -2.77 1.70 9.03
N ARG A 190 -1.57 1.49 8.47
CA ARG A 190 -0.32 1.20 9.22
C ARG A 190 0.07 2.43 10.05
N LEU A 191 -0.04 3.64 9.50
CA LEU A 191 0.31 4.85 10.22
C LEU A 191 -0.67 5.12 11.36
N LYS A 192 -1.98 4.85 11.15
CA LYS A 192 -2.94 4.92 12.25
C LYS A 192 -2.54 3.97 13.37
N PHE A 193 -2.20 2.74 13.03
CA PHE A 193 -1.83 1.77 14.05
C PHE A 193 -0.64 2.27 14.85
N LEU A 194 0.34 2.90 14.20
CA LEU A 194 1.54 3.34 14.89
C LEU A 194 1.36 4.68 15.60
N GLY A 195 0.15 5.23 15.62
CA GLY A 195 -0.09 6.46 16.35
C GLY A 195 0.19 7.74 15.62
N PHE A 196 0.28 7.71 14.27
CA PHE A 196 0.61 8.89 13.49
C PHE A 196 -0.62 9.61 12.95
N ALA A 197 -1.80 9.01 13.01
CA ALA A 197 -2.95 9.60 12.31
C ALA A 197 -3.43 10.88 12.96
N ARG A 198 -3.48 10.94 14.29
CA ARG A 198 -4.05 12.11 14.99
C ARG A 198 -3.30 13.38 14.56
N ARG A 199 -1.99 13.34 14.41
CA ARG A 199 -1.19 14.54 14.07
C ARG A 199 -1.00 14.71 12.57
N ASN A 200 -1.55 13.84 11.73
CA ASN A 200 -1.28 13.90 10.29
C ASN A 200 -2.52 13.95 9.39
N TRP A 201 -3.73 13.75 9.93
CA TRP A 201 -4.93 14.08 9.17
C TRP A 201 -6.14 14.09 10.10
N GLY A 202 -7.20 14.74 9.63
CA GLY A 202 -8.32 15.11 10.46
C GLY A 202 -7.98 16.29 11.36
N HIS A 203 -9.05 16.89 11.91
CA HIS A 203 -8.91 18.03 12.83
C HIS A 203 -8.21 19.20 12.14
N GLY A 204 -8.61 19.45 10.90
CA GLY A 204 -8.10 20.56 10.12
C GLY A 204 -6.86 20.27 9.29
N LYS A 205 -6.17 19.17 9.56
CA LYS A 205 -4.92 18.83 8.88
C LYS A 205 -5.24 17.84 7.77
N ARG A 206 -4.72 18.10 6.56
CA ARG A 206 -4.88 17.22 5.41
C ARG A 206 -6.28 16.62 5.30
N PRO A 207 -7.28 17.43 5.00
CA PRO A 207 -8.66 16.93 5.01
C PRO A 207 -8.93 15.89 3.95
N ASN A 208 -8.22 15.94 2.80
CA ASN A 208 -8.48 14.93 1.77
C ASN A 208 -8.01 13.54 2.19
N LEU A 209 -6.81 13.44 2.80
CA LEU A 209 -6.38 12.16 3.37
C LEU A 209 -7.38 11.59 4.35
N GLU A 210 -7.99 12.43 5.21
CA GLU A 210 -8.99 11.94 6.16
C GLU A 210 -10.19 11.37 5.43
N THR A 211 -10.70 12.10 4.43
CA THR A 211 -11.82 11.58 3.65
C THR A 211 -11.42 10.28 2.96
N TYR A 212 -10.20 10.24 2.38
CA TYR A 212 -9.73 9.05 1.68
C TYR A 212 -9.68 7.85 2.61
N TYR A 213 -9.04 8.04 3.79
CA TYR A 213 -8.97 6.92 4.73
C TYR A 213 -10.35 6.49 5.21
N GLU A 214 -11.26 7.45 5.36
CA GLU A 214 -12.61 7.10 5.78
C GLU A 214 -13.31 6.31 4.69
N ARG A 215 -13.06 6.66 3.43
CA ARG A 215 -13.68 5.94 2.32
C ARG A 215 -13.11 4.53 2.19
N VAL A 216 -11.78 4.41 2.26
CA VAL A 216 -11.10 3.10 2.24
C VAL A 216 -11.66 2.17 3.30
N LEU A 217 -11.83 2.63 4.55
CA LEU A 217 -12.32 1.75 5.61
C LEU A 217 -13.67 1.11 5.29
N LYS A 218 -14.54 1.83 4.57
CA LYS A 218 -15.83 1.30 4.19
C LYS A 218 -15.78 0.35 3.00
N ARG A 219 -14.73 0.40 2.19
CA ARG A 219 -14.57 -0.55 1.09
C ARG A 219 -14.51 -1.96 1.66
N LYS A 220 -15.12 -2.92 0.96
CA LYS A 220 -15.39 -4.21 1.59
C LYS A 220 -14.19 -5.14 1.47
N THR A 221 -13.43 -5.03 0.38
CA THR A 221 -12.20 -5.80 0.25
C THR A 221 -11.20 -5.43 1.35
N PHE A 222 -11.15 -4.15 1.70
CA PHE A 222 -10.25 -3.68 2.76
C PHE A 222 -10.74 -4.07 4.14
N ASN A 223 -12.03 -3.97 4.35
CA ASN A 223 -12.61 -4.38 5.63
C ASN A 223 -12.27 -5.84 5.95
N LYS A 224 -12.34 -6.73 4.94
CA LYS A 224 -11.99 -8.14 5.15
C LYS A 224 -10.57 -8.29 5.68
N VAL A 225 -9.66 -7.45 5.22
CA VAL A 225 -8.28 -7.43 5.72
C VAL A 225 -8.02 -6.24 6.68
#